data_9O4V
#
_entry.id   9O4V
#
_cell.length_a   99.631
_cell.length_b   32.512
_cell.length_c   71.879
_cell.angle_alpha   90.00
_cell.angle_beta   90.09
_cell.angle_gamma   90.00
#
_symmetry.space_group_name_H-M   'C 1 2 1'
#
loop_
_entity.id
_entity.type
_entity.pdbx_description
1 polymer 'Ribonuclease pancreatic'
2 non-polymer DECAVANADATE
3 non-polymer 5-[(2~{S},3~{R},4~{S},5~{R})-5-(hydroxymethyl)-3,4-bis(oxidanyl)oxolan-2-yl]-1~{H}-pyrimidine-2,4-dione
4 non-polymer oxovanadium(2+)
5 water water
#
_entity_poly.entity_id   1
_entity_poly.type   'polypeptide(L)'
_entity_poly.pdbx_seq_one_letter_code
;KETAAAKFERQHMDSSTSAASSSNYCNQMMKSRNLTKDRCKPVNTFVHESLADVQAVCSQKNVACKNGQTNCYQSYSTMS
ITDCRETGSSKYPNCAYKTTQANKHIIVACEGNPYVPVHFDASV
;
_entity_poly.pdbx_strand_id   A,B
#
loop_
_chem_comp.id
_chem_comp.type
_chem_comp.name
_chem_comp.formula
DVT non-polymer DECAVANADATE 'O28 V10 -6'
FJF non-polymer 5-[(2~{S},3~{R},4~{S},5~{R})-5-(hydroxymethyl)-3,4-bis(oxidanyl)oxolan-2-yl]-1~{H}-pyrimidine-2,4-dione 'C9 H12 N2 O6'
VVO non-polymer oxovanadium(2+) 'O V 2'
#
# COMPACT_ATOMS: atom_id res chain seq x y z
N LYS A 1 3.47 18.77 -2.77
CA LYS A 1 3.67 18.48 -1.32
C LYS A 1 2.57 17.52 -0.85
N GLU A 2 2.94 16.41 -0.21
CA GLU A 2 1.97 15.52 0.41
C GLU A 2 1.09 16.32 1.38
N THR A 3 -0.22 16.20 1.24
CA THR A 3 -1.07 16.89 2.20
C THR A 3 -0.94 16.25 3.57
N ALA A 4 -1.34 17.02 4.60
CA ALA A 4 -1.35 16.47 5.95
C ALA A 4 -2.30 15.27 6.06
N ALA A 5 -3.46 15.35 5.41
CA ALA A 5 -4.40 14.24 5.44
C ALA A 5 -3.79 13.00 4.80
N ALA A 6 -3.17 13.16 3.64
CA ALA A 6 -2.51 12.04 2.98
C ALA A 6 -1.40 11.48 3.84
N LYS A 7 -0.62 12.36 4.49
CA LYS A 7 0.44 11.88 5.36
C LYS A 7 -0.14 11.06 6.50
N PHE A 8 -1.27 11.50 7.05
CA PHE A 8 -1.93 10.75 8.11
C PHE A 8 -2.32 9.37 7.62
N GLU A 9 -2.90 9.28 6.42
CA GLU A 9 -3.27 7.97 5.89
C GLU A 9 -2.04 7.10 5.69
N ARG A 10 -0.95 7.68 5.17
CA ARG A 10 0.26 6.90 4.94
C ARG A 10 0.89 6.41 6.24
N GLN A 11 0.94 7.28 7.25
CA GLN A 11 1.63 6.96 8.49
C GLN A 11 0.76 6.09 9.41
N HIS A 12 -0.56 6.24 9.38
CA HIS A 12 -1.40 5.68 10.43
C HIS A 12 -2.59 4.83 10.00
N MET A 13 -2.96 4.78 8.74
CA MET A 13 -4.11 3.98 8.34
C MET A 13 -3.63 2.65 7.76
N ASP A 14 -4.14 1.57 8.32
CA ASP A 14 -4.00 0.24 7.70
C ASP A 14 -5.32 -0.50 7.96
N SER A 15 -6.33 -0.17 7.15
CA SER A 15 -7.67 -0.72 7.34
C SER A 15 -7.74 -2.20 7.00
N SER A 16 -6.81 -2.70 6.21
CA SER A 16 -6.84 -4.07 5.72
C SER A 16 -7.30 -5.09 6.77
N SER A 21 -1.69 -9.91 14.21
CA SER A 21 -0.61 -9.56 13.30
C SER A 21 0.63 -10.41 13.55
N SER A 22 1.48 -10.52 12.54
CA SER A 22 2.79 -11.10 12.73
C SER A 22 3.59 -10.25 13.73
N SER A 23 4.57 -10.88 14.37
CA SER A 23 5.53 -10.11 15.16
C SER A 23 6.33 -9.17 14.27
N ASN A 24 6.42 -9.48 12.97
CA ASN A 24 7.14 -8.65 12.01
C ASN A 24 6.27 -7.59 11.35
N TYR A 25 5.01 -7.49 11.76
CA TYR A 25 4.11 -6.52 11.13
C TYR A 25 4.74 -5.13 11.10
N CYS A 26 5.25 -4.66 12.23
CA CYS A 26 5.76 -3.30 12.27
C CYS A 26 6.99 -3.13 11.38
N ASN A 27 7.90 -4.11 11.39
CA ASN A 27 9.09 -3.99 10.53
C ASN A 27 8.70 -3.75 9.07
N GLN A 28 7.73 -4.55 8.57
CA GLN A 28 7.31 -4.47 7.18
C GLN A 28 6.49 -3.23 6.91
N MET A 29 5.59 -2.86 7.83
CA MET A 29 4.75 -1.69 7.63
C MET A 29 5.58 -0.40 7.68
N MET A 30 6.43 -0.27 8.71
CA MET A 30 7.27 0.91 8.83
C MET A 30 8.13 1.07 7.59
N LYS A 31 8.57 -0.05 7.00
CA LYS A 31 9.28 0.07 5.72
C LYS A 31 8.35 0.51 4.60
N SER A 32 7.21 -0.16 4.46
CA SER A 32 6.35 0.05 3.29
C SER A 32 5.72 1.44 3.28
N ARG A 33 5.57 2.07 4.45
CA ARG A 33 5.00 3.40 4.55
C ARG A 33 6.06 4.50 4.52
N ASN A 34 7.30 4.14 4.17
CA ASN A 34 8.43 5.08 4.01
C ASN A 34 8.79 5.75 5.34
N LEU A 35 8.62 5.03 6.44
CA LEU A 35 8.95 5.54 7.76
C LEU A 35 10.32 5.05 8.23
N THR A 36 11.07 4.36 7.38
CA THR A 36 12.44 3.94 7.68
C THR A 36 13.44 4.54 6.70
N LYS A 37 13.00 5.50 5.89
CA LYS A 37 13.86 6.21 4.96
C LYS A 37 14.51 7.37 5.71
N ASP A 38 15.84 7.39 5.71
CA ASP A 38 16.64 8.44 6.33
C ASP A 38 16.83 8.23 7.84
N ARG A 39 15.78 7.77 8.51
CA ARG A 39 15.86 7.52 9.94
C ARG A 39 14.81 6.48 10.28
N CYS A 40 14.98 5.84 11.43
CA CYS A 40 13.95 4.98 11.98
C CYS A 40 12.96 5.86 12.74
N LYS A 41 11.76 6.03 12.22
CA LYS A 41 10.69 6.69 12.99
C LYS A 41 10.51 5.87 14.26
N PRO A 42 10.76 6.42 15.45
CA PRO A 42 10.83 5.56 16.64
C PRO A 42 9.50 4.96 17.06
N VAL A 43 8.43 5.73 16.99
CA VAL A 43 7.14 5.32 17.51
C VAL A 43 6.09 5.59 16.45
N ASN A 44 5.19 4.64 16.27
CA ASN A 44 4.11 4.86 15.33
C ASN A 44 2.94 3.97 15.70
N THR A 45 1.76 4.42 15.35
CA THR A 45 0.52 3.70 15.55
C THR A 45 -0.20 3.55 14.21
N PHE A 46 -0.63 2.33 13.91
CA PHE A 46 -1.50 2.07 12.77
C PHE A 46 -2.90 1.74 13.26
N VAL A 47 -3.90 2.30 12.60
CA VAL A 47 -5.29 2.11 12.95
C VAL A 47 -5.93 1.19 11.94
N HIS A 48 -6.62 0.15 12.41
CA HIS A 48 -7.14 -0.87 11.52
C HIS A 48 -8.64 -0.77 11.26
N GLU A 49 -9.23 0.36 11.55
CA GLU A 49 -10.64 0.54 11.24
C GLU A 49 -10.72 1.11 9.84
N SER A 50 -11.93 1.16 9.32
CA SER A 50 -12.11 1.73 8.00
C SER A 50 -11.74 3.21 8.03
N LEU A 51 -11.31 3.71 6.88
CA LEU A 51 -11.07 5.13 6.74
C LEU A 51 -12.29 5.93 7.13
N ALA A 52 -13.47 5.47 6.74
CA ALA A 52 -14.70 6.18 7.11
C ALA A 52 -14.85 6.29 8.62
N ASP A 53 -14.60 5.21 9.34
CA ASP A 53 -14.75 5.23 10.78
C ASP A 53 -13.75 6.17 11.44
N VAL A 54 -12.51 6.20 10.93
CA VAL A 54 -11.51 7.10 11.50
C VAL A 54 -11.84 8.55 11.17
N GLN A 55 -12.24 8.82 9.91
CA GLN A 55 -12.62 10.18 9.56
C GLN A 55 -13.80 10.66 10.39
N ALA A 56 -14.70 9.75 10.76
CA ALA A 56 -15.84 10.10 11.60
C ALA A 56 -15.40 10.59 12.98
N VAL A 57 -14.19 10.24 13.43
CA VAL A 57 -13.74 10.72 14.74
C VAL A 57 -13.76 12.24 14.78
N CYS A 58 -13.59 12.88 13.62
CA CYS A 58 -13.61 14.34 13.55
C CYS A 58 -14.97 14.92 13.91
N SER A 59 -15.98 14.08 14.11
CA SER A 59 -17.30 14.51 14.57
CA SER A 59 -17.29 14.53 14.58
C SER A 59 -17.63 13.99 15.96
N GLN A 60 -16.64 13.49 16.70
CA GLN A 60 -16.86 12.85 18.00
C GLN A 60 -16.36 13.79 19.08
N LYS A 61 -15.56 13.33 20.05
CA LYS A 61 -15.36 14.07 21.29
C LYS A 61 -14.24 15.10 21.10
N ASN A 62 -14.60 16.38 21.11
CA ASN A 62 -13.60 17.44 20.97
C ASN A 62 -12.76 17.52 22.24
N VAL A 63 -11.44 17.45 22.08
CA VAL A 63 -10.47 17.54 23.16
C VAL A 63 -9.29 18.40 22.71
N ALA A 64 -8.59 18.94 23.70
CA ALA A 64 -7.35 19.67 23.47
C ALA A 64 -6.32 18.72 22.90
N CYS A 65 -5.54 19.22 21.96
CA CYS A 65 -4.36 18.54 21.46
C CYS A 65 -3.17 18.72 22.41
N LYS A 66 -2.18 17.84 22.28
CA LYS A 66 -0.95 17.99 23.06
C LYS A 66 -0.33 19.36 22.85
N ASN A 67 -0.36 19.87 21.61
CA ASN A 67 0.24 21.16 21.30
C ASN A 67 -0.62 22.35 21.72
N GLY A 68 -1.77 22.13 22.37
CA GLY A 68 -2.59 23.21 22.84
C GLY A 68 -3.67 23.68 21.89
N GLN A 69 -3.62 23.27 20.64
CA GLN A 69 -4.73 23.55 19.73
C GLN A 69 -5.97 22.76 20.16
N THR A 70 -7.12 23.21 19.67
CA THR A 70 -8.43 22.75 20.09
C THR A 70 -9.13 21.92 19.02
N ASN A 71 -8.42 21.55 17.96
CA ASN A 71 -9.01 20.79 16.88
C ASN A 71 -8.71 19.30 17.03
N CYS A 72 -8.61 18.79 18.27
CA CYS A 72 -8.41 17.37 18.43
C CYS A 72 -9.70 16.68 18.82
N TYR A 73 -9.81 15.42 18.45
CA TYR A 73 -11.00 14.62 18.63
C TYR A 73 -10.61 13.23 19.07
N GLN A 74 -11.29 12.78 20.11
CA GLN A 74 -11.18 11.46 20.66
C GLN A 74 -12.31 10.61 20.11
N SER A 75 -11.97 9.40 19.67
CA SER A 75 -12.99 8.48 19.20
C SER A 75 -13.86 8.06 20.36
N TYR A 76 -15.17 8.07 20.16
CA TYR A 76 -16.07 7.59 21.20
C TYR A 76 -15.81 6.12 21.51
N SER A 77 -15.60 5.31 20.48
CA SER A 77 -15.37 3.89 20.63
C SER A 77 -13.88 3.58 20.65
N THR A 78 -13.54 2.44 21.23
CA THR A 78 -12.19 1.92 21.05
C THR A 78 -12.05 1.43 19.62
N MET A 79 -10.83 1.41 19.15
CA MET A 79 -10.51 0.99 17.80
C MET A 79 -9.32 0.05 17.84
N SER A 80 -9.32 -0.89 16.92
CA SER A 80 -8.21 -1.81 16.77
C SER A 80 -7.01 -1.05 16.22
N ILE A 81 -5.90 -1.07 16.96
CA ILE A 81 -4.69 -0.38 16.56
C ILE A 81 -3.51 -1.30 16.80
N THR A 82 -2.39 -0.94 16.20
CA THR A 82 -1.11 -1.56 16.44
C THR A 82 -0.11 -0.47 16.75
N ASP A 83 0.55 -0.60 17.89
CA ASP A 83 1.66 0.27 18.29
C ASP A 83 2.95 -0.36 17.79
N CYS A 84 3.74 0.42 17.07
CA CYS A 84 5.06 0.05 16.62
C CYS A 84 6.04 0.88 17.42
N ARG A 85 6.94 0.24 18.14
CA ARG A 85 7.95 1.01 18.87
C ARG A 85 9.32 0.43 18.57
N GLU A 86 10.22 1.30 18.12
CA GLU A 86 11.58 0.89 17.82
C GLU A 86 12.19 0.24 19.07
N THR A 87 12.92 -0.85 18.86
CA THR A 87 13.54 -1.56 19.96
C THR A 87 14.70 -0.74 20.52
N GLY A 88 15.14 -1.11 21.72
CA GLY A 88 16.26 -0.39 22.31
C GLY A 88 17.54 -0.56 21.52
N SER A 89 17.66 -1.66 20.77
CA SER A 89 18.86 -1.97 20.01
C SER A 89 18.71 -1.75 18.50
N SER A 90 17.60 -1.16 18.05
CA SER A 90 17.41 -0.88 16.62
C SER A 90 18.39 0.18 16.16
N LYS A 91 19.07 -0.09 15.02
CA LYS A 91 20.10 0.80 14.50
C LYS A 91 19.84 1.02 13.02
N TYR A 92 19.48 2.26 12.65
CA TYR A 92 19.36 2.59 11.23
C TYR A 92 20.63 2.12 10.51
N PRO A 93 20.51 1.54 9.30
CA PRO A 93 19.29 1.38 8.48
C PRO A 93 18.49 0.12 8.76
N ASN A 94 18.89 -0.71 9.72
CA ASN A 94 18.16 -1.93 10.03
CA ASN A 94 18.15 -1.93 10.03
C ASN A 94 17.13 -1.65 11.12
N CYS A 95 16.08 -0.92 10.74
CA CYS A 95 15.09 -0.50 11.71
C CYS A 95 14.31 -1.69 12.22
N ALA A 96 14.29 -1.84 13.55
CA ALA A 96 13.62 -2.95 14.20
C ALA A 96 12.60 -2.43 15.19
N TYR A 97 11.43 -3.04 15.16
CA TYR A 97 10.30 -2.58 15.94
C TYR A 97 9.69 -3.75 16.68
N LYS A 98 9.14 -3.44 17.84
CA LYS A 98 8.23 -4.34 18.52
C LYS A 98 6.81 -3.96 18.14
N THR A 99 6.03 -4.98 17.78
CA THR A 99 4.64 -4.87 17.39
C THR A 99 3.76 -5.22 18.59
N THR A 100 2.85 -4.31 18.95
CA THR A 100 1.91 -4.55 20.03
C THR A 100 0.51 -4.22 19.54
N GLN A 101 -0.41 -5.18 19.63
CA GLN A 101 -1.79 -4.94 19.23
C GLN A 101 -2.57 -4.40 20.41
N ALA A 102 -3.58 -3.57 20.13
CA ALA A 102 -4.39 -3.01 21.22
C ALA A 102 -5.73 -2.57 20.69
N ASN A 103 -6.67 -2.34 21.62
CA ASN A 103 -7.97 -1.74 21.32
C ASN A 103 -8.12 -0.51 22.20
N LYS A 104 -8.01 0.66 21.60
CA LYS A 104 -8.02 1.89 22.39
C LYS A 104 -8.73 2.99 21.64
N HIS A 105 -9.13 4.01 22.37
CA HIS A 105 -9.62 5.23 21.76
C HIS A 105 -8.43 5.95 21.13
N ILE A 106 -8.64 6.54 19.98
CA ILE A 106 -7.61 7.33 19.31
C ILE A 106 -7.99 8.80 19.44
N ILE A 107 -6.97 9.65 19.50
CA ILE A 107 -7.11 11.08 19.47
C ILE A 107 -6.33 11.58 18.27
N VAL A 108 -7.02 12.29 17.39
CA VAL A 108 -6.46 12.84 16.17
C VAL A 108 -6.80 14.32 16.07
N ALA A 109 -5.92 15.07 15.39
CA ALA A 109 -6.19 16.45 15.04
C ALA A 109 -6.90 16.43 13.70
N CYS A 110 -7.93 17.24 13.54
CA CYS A 110 -8.69 17.30 12.31
C CYS A 110 -8.65 18.68 11.68
N GLU A 111 -8.67 18.69 10.35
CA GLU A 111 -8.48 19.94 9.62
CA GLU A 111 -8.46 19.92 9.62
C GLU A 111 -8.86 19.75 8.16
N GLY A 112 -9.18 20.87 7.53
CA GLY A 112 -9.35 20.92 6.09
C GLY A 112 -10.76 20.63 5.63
N ASN A 113 -10.91 20.66 4.31
CA ASN A 113 -12.18 20.38 3.66
C ASN A 113 -11.95 19.33 2.59
N PRO A 114 -12.43 18.09 2.78
CA PRO A 114 -13.20 17.58 3.94
C PRO A 114 -12.39 17.60 5.24
N TYR A 115 -13.12 17.67 6.34
CA TYR A 115 -12.58 17.78 7.69
C TYR A 115 -12.18 16.41 8.19
N VAL A 116 -10.90 16.11 8.11
CA VAL A 116 -10.40 14.74 8.31
C VAL A 116 -9.17 14.76 9.22
N PRO A 117 -8.73 13.61 9.72
CA PRO A 117 -7.52 13.59 10.56
C PRO A 117 -6.28 14.01 9.77
N VAL A 118 -5.46 14.83 10.42
CA VAL A 118 -4.20 15.29 9.85
C VAL A 118 -3.02 15.00 10.78
N HIS A 119 -3.27 14.45 11.96
CA HIS A 119 -2.21 14.15 12.92
C HIS A 119 -2.77 13.18 13.95
N PHE A 120 -1.94 12.25 14.35
CA PHE A 120 -2.27 11.29 15.40
C PHE A 120 -1.71 11.82 16.71
N ASP A 121 -2.58 12.15 17.64
CA ASP A 121 -2.16 12.76 18.89
C ASP A 121 -1.88 11.71 19.96
N ALA A 122 -2.76 10.73 20.09
CA ALA A 122 -2.49 9.70 21.10
C ALA A 122 -3.52 8.59 21.00
N SER A 123 -3.25 7.49 21.71
CA SER A 123 -4.27 6.50 22.01
C SER A 123 -4.47 6.47 23.51
N VAL A 124 -5.71 6.30 23.93
CA VAL A 124 -6.04 6.27 25.36
C VAL A 124 -7.02 5.16 25.69
N GLU B 2 -11.10 -19.82 -11.50
CA GLU B 2 -10.04 -18.86 -11.11
C GLU B 2 -10.65 -17.57 -10.59
N THR B 3 -10.36 -17.23 -9.34
CA THR B 3 -10.82 -15.96 -8.79
C THR B 3 -10.08 -14.81 -9.45
N ALA B 4 -10.64 -13.61 -9.32
CA ALA B 4 -9.95 -12.42 -9.80
C ALA B 4 -8.61 -12.26 -9.09
N ALA B 5 -8.56 -12.54 -7.79
CA ALA B 5 -7.30 -12.42 -7.06
C ALA B 5 -6.26 -13.39 -7.61
N ALA B 6 -6.68 -14.63 -7.88
CA ALA B 6 -5.77 -15.60 -8.47
C ALA B 6 -5.33 -15.16 -9.85
N LYS B 7 -6.25 -14.61 -10.64
CA LYS B 7 -5.87 -14.15 -11.96
C LYS B 7 -4.87 -13.01 -11.87
N PHE B 8 -5.03 -12.12 -10.90
CA PHE B 8 -4.04 -11.07 -10.70
C PHE B 8 -2.67 -11.67 -10.38
N GLU B 9 -2.64 -12.67 -9.49
CA GLU B 9 -1.37 -13.31 -9.16
C GLU B 9 -0.74 -13.95 -10.40
N ARG B 10 -1.56 -14.60 -11.23
CA ARG B 10 -1.02 -15.24 -12.42
C ARG B 10 -0.52 -14.22 -13.43
N GLN B 11 -1.24 -13.12 -13.60
CA GLN B 11 -0.89 -12.17 -14.64
C GLN B 11 0.23 -11.24 -14.22
N HIS B 12 0.35 -10.95 -12.92
CA HIS B 12 1.17 -9.83 -12.51
C HIS B 12 2.15 -10.09 -11.38
N MET B 13 2.13 -11.25 -10.74
CA MET B 13 3.07 -11.52 -9.66
C MET B 13 4.21 -12.39 -10.16
N ASP B 14 5.45 -11.94 -9.95
CA ASP B 14 6.60 -12.82 -10.12
C ASP B 14 7.64 -12.48 -9.05
N SER B 15 7.39 -12.93 -7.83
CA SER B 15 8.29 -12.60 -6.73
C SER B 15 9.61 -13.36 -6.86
N SER B 16 9.60 -14.51 -7.53
CA SER B 16 10.80 -15.34 -7.63
C SER B 16 12.01 -14.56 -8.14
N THR B 17 11.82 -13.70 -9.14
CA THR B 17 12.92 -12.96 -9.74
C THR B 17 13.02 -11.57 -9.11
N SER B 18 14.25 -11.15 -8.79
CA SER B 18 14.46 -9.77 -8.39
C SER B 18 14.30 -8.81 -9.57
N ALA B 19 14.61 -9.28 -10.78
CA ALA B 19 14.60 -8.56 -12.06
C ALA B 19 14.83 -9.61 -13.15
N ALA B 20 14.89 -9.19 -14.44
CA ALA B 20 14.58 -10.07 -15.57
C ALA B 20 15.56 -9.98 -16.74
N SER B 22 15.51 -10.99 -17.64
CA SER B 22 16.41 -11.11 -18.78
C SER B 22 15.78 -10.56 -20.07
N SER B 23 16.52 -10.60 -21.19
CA SER B 23 15.94 -10.12 -22.44
C SER B 23 14.86 -11.06 -22.98
N ASN B 24 14.92 -12.36 -22.65
CA ASN B 24 13.86 -13.27 -23.07
C ASN B 24 12.72 -13.36 -22.06
N TYR B 25 12.83 -12.63 -20.95
CA TYR B 25 11.91 -12.82 -19.84
C TYR B 25 10.46 -12.70 -20.27
N CYS B 26 10.09 -11.60 -20.91
CA CYS B 26 8.69 -11.40 -21.25
C CYS B 26 8.22 -12.46 -22.24
N ASN B 27 9.04 -12.80 -23.24
CA ASN B 27 8.61 -13.81 -24.19
C ASN B 27 8.26 -15.10 -23.47
N GLN B 28 9.05 -15.48 -22.46
CA GLN B 28 8.80 -16.72 -21.75
C GLN B 28 7.63 -16.59 -20.77
N MET B 29 7.60 -15.49 -20.01
CA MET B 29 6.60 -15.29 -18.98
C MET B 29 5.21 -15.06 -19.55
N MET B 30 5.08 -14.24 -20.60
CA MET B 30 3.77 -14.02 -21.18
C MET B 30 3.19 -15.35 -21.68
N LYS B 31 4.03 -16.22 -22.20
CA LYS B 31 3.55 -17.53 -22.63
C LYS B 31 3.19 -18.40 -21.42
N SER B 32 4.12 -18.50 -20.45
CA SER B 32 3.93 -19.43 -19.34
C SER B 32 2.77 -19.04 -18.43
N ARG B 33 2.48 -17.74 -18.33
CA ARG B 33 1.35 -17.27 -17.55
C ARG B 33 0.06 -17.19 -18.38
N ASN B 34 0.09 -17.73 -19.60
CA ASN B 34 -1.09 -17.87 -20.42
C ASN B 34 -1.69 -16.53 -20.84
N LEU B 35 -0.81 -15.56 -21.07
CA LEU B 35 -1.22 -14.25 -21.55
C LEU B 35 -1.09 -14.16 -23.07
N THR B 36 -0.73 -15.26 -23.74
CA THR B 36 -0.65 -15.32 -25.19
C THR B 36 -1.54 -16.41 -25.76
N LYS B 37 -2.56 -16.84 -25.01
CA LYS B 37 -3.30 -18.04 -25.40
C LYS B 37 -4.33 -17.75 -26.49
N ASP B 38 -5.18 -16.75 -26.30
CA ASP B 38 -6.15 -16.40 -27.33
C ASP B 38 -5.64 -15.30 -28.26
N ARG B 39 -4.82 -14.40 -27.75
CA ARG B 39 -4.22 -13.32 -28.53
C ARG B 39 -2.95 -12.91 -27.79
N CYS B 40 -2.15 -12.07 -28.43
CA CYS B 40 -1.00 -11.47 -27.74
C CYS B 40 -1.49 -10.33 -26.86
N LYS B 41 -1.50 -10.54 -25.55
CA LYS B 41 -1.80 -9.45 -24.65
C LYS B 41 -0.82 -8.31 -24.91
N PRO B 42 -1.28 -7.11 -25.23
CA PRO B 42 -0.33 -6.08 -25.71
C PRO B 42 0.66 -5.61 -24.66
N VAL B 43 0.20 -5.39 -23.44
CA VAL B 43 1.02 -4.85 -22.37
C VAL B 43 0.72 -5.62 -21.08
N ASN B 44 1.77 -5.95 -20.33
CA ASN B 44 1.55 -6.61 -19.06
C ASN B 44 2.73 -6.38 -18.15
N THR B 45 2.47 -6.16 -16.88
CA THR B 45 3.53 -5.86 -15.91
C THR B 45 3.59 -6.95 -14.87
N PHE B 46 4.80 -7.42 -14.58
CA PHE B 46 5.04 -8.34 -13.49
C PHE B 46 5.74 -7.65 -12.34
N VAL B 47 5.29 -7.92 -11.14
CA VAL B 47 5.82 -7.29 -9.94
C VAL B 47 6.71 -8.28 -9.19
N HIS B 48 7.92 -7.86 -8.88
CA HIS B 48 8.94 -8.66 -8.22
C HIS B 48 9.05 -8.30 -6.75
N GLU B 49 7.93 -8.21 -6.09
CA GLU B 49 7.88 -8.06 -4.65
C GLU B 49 7.10 -9.23 -4.09
N SER B 50 7.13 -9.37 -2.77
CA SER B 50 6.37 -10.43 -2.12
C SER B 50 4.88 -10.21 -2.35
N LEU B 51 4.13 -11.31 -2.34
CA LEU B 51 2.68 -11.20 -2.42
C LEU B 51 2.13 -10.33 -1.30
N ALA B 52 2.66 -10.49 -0.07
CA ALA B 52 2.18 -9.65 1.04
C ALA B 52 2.41 -8.17 0.75
N ASP B 53 3.56 -7.82 0.19
CA ASP B 53 3.86 -6.42 -0.09
C ASP B 53 2.91 -5.88 -1.15
N VAL B 54 2.60 -6.66 -2.20
CA VAL B 54 1.69 -6.16 -3.21
C VAL B 54 0.27 -6.09 -2.66
N GLN B 55 -0.14 -7.11 -1.91
CA GLN B 55 -1.48 -7.08 -1.31
C GLN B 55 -1.63 -5.88 -0.38
N ALA B 56 -0.57 -5.49 0.30
CA ALA B 56 -0.61 -4.34 1.20
C ALA B 56 -0.91 -3.04 0.46
N VAL B 57 -0.66 -2.98 -0.84
CA VAL B 57 -0.96 -1.76 -1.58
C VAL B 57 -2.43 -1.42 -1.49
N CYS B 58 -3.31 -2.39 -1.27
CA CYS B 58 -4.74 -2.11 -1.19
C CYS B 58 -5.10 -1.22 0.00
N SER B 59 -4.18 -1.04 0.95
CA SER B 59 -4.39 -0.14 2.08
C SER B 59 -3.51 1.10 2.01
N GLN B 60 -2.87 1.35 0.88
CA GLN B 60 -1.95 2.48 0.72
C GLN B 60 -2.66 3.62 0.02
N LYS B 61 -2.06 4.27 -0.96
CA LYS B 61 -2.59 5.57 -1.36
C LYS B 61 -3.77 5.41 -2.33
N ASN B 62 -4.97 5.83 -1.94
CA ASN B 62 -6.14 5.71 -2.81
C ASN B 62 -6.04 6.75 -3.94
N VAL B 63 -6.13 6.27 -5.19
CA VAL B 63 -6.06 7.09 -6.38
C VAL B 63 -7.13 6.60 -7.36
N ALA B 64 -7.52 7.53 -8.25
CA ALA B 64 -8.46 7.19 -9.29
C ALA B 64 -7.85 6.17 -10.24
N CYS B 65 -8.66 5.20 -10.62
CA CYS B 65 -8.32 4.26 -11.66
C CYS B 65 -8.44 4.91 -13.03
N LYS B 66 -7.71 4.37 -13.99
CA LYS B 66 -7.77 4.91 -15.34
C LYS B 66 -9.20 4.87 -15.91
N ASN B 67 -9.99 3.87 -15.55
CA ASN B 67 -11.35 3.77 -16.03
C ASN B 67 -12.33 4.64 -15.25
N GLY B 68 -11.86 5.40 -14.29
CA GLY B 68 -12.71 6.29 -13.54
C GLY B 68 -13.27 5.71 -12.25
N GLN B 69 -13.17 4.41 -12.03
CA GLN B 69 -13.53 3.84 -10.75
C GLN B 69 -12.58 4.38 -9.67
N THR B 70 -12.99 4.22 -8.42
CA THR B 70 -12.30 4.86 -7.31
C THR B 70 -11.47 3.89 -6.49
N ASN B 71 -11.42 2.63 -6.89
CA ASN B 71 -10.80 1.59 -6.07
C ASN B 71 -9.37 1.30 -6.49
N CYS B 72 -8.59 2.32 -6.90
CA CYS B 72 -7.19 2.06 -7.23
C CYS B 72 -6.32 2.59 -6.09
N TYR B 73 -5.14 1.98 -5.94
CA TYR B 73 -4.21 2.25 -4.86
C TYR B 73 -2.80 2.25 -5.41
N GLN B 74 -2.06 3.28 -5.05
CA GLN B 74 -0.66 3.46 -5.44
C GLN B 74 0.25 3.11 -4.26
N SER B 75 1.29 2.35 -4.56
CA SER B 75 2.25 1.94 -3.53
C SER B 75 3.04 3.16 -3.08
N TYR B 76 3.20 3.28 -1.76
CA TYR B 76 4.03 4.36 -1.23
C TYR B 76 5.49 4.20 -1.63
N SER B 77 6.00 2.98 -1.59
CA SER B 77 7.37 2.70 -1.98
C SER B 77 7.40 2.29 -3.45
N THR B 78 8.55 2.50 -4.07
CA THR B 78 8.73 1.92 -5.39
C THR B 78 8.86 0.41 -5.25
N MET B 79 8.53 -0.29 -6.34
CA MET B 79 8.64 -1.73 -6.39
C MET B 79 9.36 -2.12 -7.67
N SER B 80 10.09 -3.22 -7.58
CA SER B 80 10.77 -3.79 -8.73
C SER B 80 9.73 -4.43 -9.65
N ILE B 81 9.68 -3.99 -10.90
CA ILE B 81 8.71 -4.52 -11.85
C ILE B 81 9.39 -4.78 -13.18
N THR B 82 8.71 -5.54 -14.02
CA THR B 82 9.10 -5.74 -15.41
C THR B 82 7.88 -5.50 -16.28
N ASP B 83 8.00 -4.56 -17.22
CA ASP B 83 6.97 -4.30 -18.21
C ASP B 83 7.25 -5.15 -19.44
N CYS B 84 6.22 -5.84 -19.93
CA CYS B 84 6.25 -6.59 -21.17
C CYS B 84 5.39 -5.84 -22.16
N ARG B 85 5.98 -5.44 -23.28
CA ARG B 85 5.25 -4.70 -24.31
C ARG B 85 5.42 -5.41 -25.63
N GLU B 86 4.31 -5.76 -26.28
CA GLU B 86 4.36 -6.49 -27.53
C GLU B 86 5.14 -5.72 -28.59
N THR B 87 6.01 -6.42 -29.32
CA THR B 87 6.77 -5.77 -30.38
C THR B 87 5.87 -5.50 -31.59
N GLY B 88 6.32 -4.58 -32.44
CA GLY B 88 5.58 -4.21 -33.62
C GLY B 88 5.50 -5.32 -34.65
N SER B 89 6.45 -6.27 -34.62
CA SER B 89 6.49 -7.37 -35.56
C SER B 89 5.95 -8.65 -34.94
N SER B 90 5.45 -8.57 -33.71
CA SER B 90 4.88 -9.74 -33.07
C SER B 90 3.60 -10.14 -33.79
N LYS B 91 3.49 -11.43 -34.12
CA LYS B 91 2.32 -11.97 -34.80
C LYS B 91 1.88 -13.23 -34.07
N TYR B 92 0.70 -13.17 -33.47
CA TYR B 92 0.08 -14.32 -32.86
C TYR B 92 0.13 -15.51 -33.82
N PRO B 93 0.43 -16.72 -33.32
CA PRO B 93 0.61 -17.09 -31.90
C PRO B 93 2.04 -16.89 -31.39
N ASN B 94 2.99 -16.45 -32.22
CA ASN B 94 4.37 -16.27 -31.80
C ASN B 94 4.56 -14.86 -31.25
N CYS B 95 3.92 -14.65 -30.11
CA CYS B 95 3.92 -13.34 -29.46
C CYS B 95 5.33 -12.97 -29.02
N ALA B 96 5.76 -11.77 -29.38
CA ALA B 96 7.10 -11.29 -29.11
C ALA B 96 7.01 -10.01 -28.29
N TYR B 97 7.85 -9.92 -27.27
CA TYR B 97 7.79 -8.82 -26.30
C TYR B 97 9.15 -8.20 -26.04
N LYS B 98 9.14 -6.90 -25.83
CA LYS B 98 10.25 -6.17 -25.26
C LYS B 98 10.11 -6.19 -23.74
N THR B 99 11.20 -6.55 -23.06
CA THR B 99 11.25 -6.69 -21.61
C THR B 99 11.95 -5.45 -21.05
N THR B 100 11.25 -4.72 -20.18
CA THR B 100 11.79 -3.51 -19.57
C THR B 100 11.67 -3.60 -18.06
N GLN B 101 12.80 -3.66 -17.38
CA GLN B 101 12.80 -3.62 -15.93
C GLN B 101 12.71 -2.17 -15.45
N ALA B 102 12.06 -1.99 -14.30
CA ALA B 102 11.98 -0.66 -13.72
C ALA B 102 11.76 -0.79 -12.21
N ASN B 103 11.92 0.33 -11.54
CA ASN B 103 11.56 0.47 -10.13
C ASN B 103 10.61 1.64 -10.04
N LYS B 104 9.34 1.35 -9.81
CA LYS B 104 8.31 2.37 -9.85
C LYS B 104 7.21 2.08 -8.85
N HIS B 105 6.41 3.10 -8.55
CA HIS B 105 5.20 2.86 -7.77
C HIS B 105 4.18 2.16 -8.66
N ILE B 106 3.48 1.23 -8.10
CA ILE B 106 2.47 0.52 -8.87
C ILE B 106 1.11 1.02 -8.44
N ILE B 107 0.16 0.97 -9.35
CA ILE B 107 -1.24 1.27 -9.08
C ILE B 107 -2.03 0.02 -9.45
N VAL B 108 -2.74 -0.50 -8.46
CA VAL B 108 -3.59 -1.68 -8.60
C VAL B 108 -5.00 -1.34 -8.17
N ALA B 109 -5.97 -2.02 -8.74
CA ALA B 109 -7.36 -1.95 -8.32
C ALA B 109 -7.58 -3.09 -7.35
N CYS B 110 -8.28 -2.83 -6.25
CA CYS B 110 -8.56 -3.85 -5.26
C CYS B 110 -10.07 -4.03 -5.12
N GLU B 111 -10.45 -5.27 -4.85
CA GLU B 111 -11.85 -5.61 -4.62
C GLU B 111 -11.93 -6.80 -3.66
N GLY B 112 -13.12 -6.95 -3.08
CA GLY B 112 -13.50 -8.17 -2.42
C GLY B 112 -13.24 -8.14 -0.92
N ASN B 113 -13.58 -9.28 -0.33
CA ASN B 113 -13.28 -9.57 1.07
C ASN B 113 -12.61 -10.94 1.09
N PRO B 114 -11.30 -11.02 1.34
CA PRO B 114 -10.36 -9.94 1.65
C PRO B 114 -10.20 -8.96 0.50
N TYR B 115 -9.83 -7.74 0.85
CA TYR B 115 -9.65 -6.66 -0.13
C TYR B 115 -8.26 -6.79 -0.71
N VAL B 116 -8.18 -7.29 -1.94
CA VAL B 116 -6.90 -7.70 -2.52
C VAL B 116 -6.82 -7.17 -3.95
N PRO B 117 -5.63 -7.16 -4.52
CA PRO B 117 -5.47 -6.72 -5.91
C PRO B 117 -6.19 -7.61 -6.88
N VAL B 118 -6.91 -6.99 -7.83
CA VAL B 118 -7.59 -7.74 -8.88
C VAL B 118 -7.26 -7.22 -10.27
N HIS B 119 -6.49 -6.14 -10.37
CA HIS B 119 -6.21 -5.55 -11.66
C HIS B 119 -4.98 -4.68 -11.50
N PHE B 120 -4.13 -4.71 -12.50
CA PHE B 120 -2.95 -3.86 -12.53
C PHE B 120 -3.30 -2.65 -13.38
N ASP B 121 -3.29 -1.48 -12.78
CA ASP B 121 -3.73 -0.30 -13.51
C ASP B 121 -2.60 0.46 -14.18
N ALA B 122 -1.48 0.65 -13.47
CA ALA B 122 -0.40 1.47 -14.02
C ALA B 122 0.83 1.36 -13.13
N SER B 123 1.95 1.84 -13.66
CA SER B 123 3.14 2.13 -12.89
C SER B 123 3.47 3.60 -13.07
N VAL B 124 3.95 4.22 -12.01
CA VAL B 124 4.29 5.63 -12.07
C VAL B 124 5.59 5.96 -11.37
O28 DVT C . 8.21 11.02 11.00
O28 DVT C . 7.15 17.33 18.20
V10 DVT C . 7.75 12.21 11.98
V10 DVT C . 6.61 16.24 17.16
O18 DVT C . 6.73 11.30 13.34
O18 DVT C . 7.92 14.85 17.31
O15 DVT C . 9.25 12.62 12.99
O15 DVT C . 5.19 15.40 18.00
V1 DVT C . 9.05 14.08 14.17
V1 DVT C . 4.29 14.07 16.99
O5 DVT C . 10.51 14.22 14.82
O5 DVT C . 3.11 13.54 17.94
O27 DVT C . 7.87 13.67 10.78
O27 DVT C . 5.56 17.34 15.99
V9 DVT C . 7.73 15.32 11.64
V9 DVT C . 4.46 16.34 14.86
O2 DVT C . 6.95 13.95 13.19
O2 DVT C . 5.94 14.83 15.53
O4 DVT C . 9.05 15.50 12.90
O4 DVT C . 3.34 15.23 15.79
O8 DVT C . 6.85 16.62 12.87
O8 DVT C . 4.17 14.90 13.49
O26 DVT C . 8.24 16.35 10.52
O26 DVT C . 3.42 17.44 14.34
O24 DVT C . 5.82 15.13 11.07
O24 DVT C . 5.98 16.66 13.58
V7 DVT C . 5.10 16.87 11.86
V7 DVT C . 5.31 15.65 11.95
O11 DVT C . 4.70 17.99 13.22
O11 DVT C . 4.81 14.16 11.03
O25 DVT C . 5.65 17.91 10.77
O25 DVT C . 4.23 16.70 11.40
O21 DVT C . 3.58 16.18 11.12
O21 DVT C . 6.89 16.26 11.30
V6 DVT C . 2.51 15.19 12.35
V6 DVT C . 8.29 14.97 11.45
O19 DVT C . 2.43 13.85 13.72
O19 DVT C . 9.28 13.79 12.62
O22 DVT C . 1.10 15.00 11.58
O22 DVT C . 9.42 15.57 10.49
O6 DVT C . 2.26 16.64 13.51
O6 DVT C . 7.47 13.58 10.48
V8 DVT C . 5.14 13.70 12.22
V8 DVT C . 7.43 15.59 14.31
O20 DVT C . 3.59 13.71 11.53
O20 DVT C . 8.57 16.09 13.14
O23 DVT C . 5.80 12.42 11.35
O23 DVT C . 7.86 16.65 15.57
O16 DVT C . 4.59 15.33 13.38
O16 DVT C . 6.69 14.21 12.94
V5 DVT C . 3.72 17.08 14.55
V5 DVT C . 6.04 12.75 11.30
O14 DVT C . 3.18 18.25 15.51
O14 DVT C . 5.50 11.57 10.27
O7 DVT C . 5.67 16.84 15.24
O7 DVT C . 4.75 12.41 12.89
V2 DVT C . 6.36 15.55 14.40
V2 DVT C . 5.19 13.41 14.15
O1 DVT C . 7.96 15.51 15.10
O1 DVT C . 4.06 12.92 15.34
O17 DVT C . 4.69 12.69 13.76
O17 DVT C . 8.43 14.09 14.99
V4 DVT C . 3.77 14.02 14.97
V4 DVT C . 8.17 12.67 13.56
O13 DVT C . 3.66 15.64 15.81
O13 DVT C . 7.05 11.67 12.51
O12 DVT C . 3.22 12.98 16.12
O12 DVT C . 9.23 11.55 14.13
O9 DVT C . 5.70 14.13 15.51
O9 DVT C . 6.65 12.35 14.86
V3 DVT C . 6.46 12.45 14.75
V3 DVT C . 7.26 13.36 16.51
O3 DVT C . 8.03 13.07 15.46
O3 DVT C . 5.67 12.75 17.15
O10 DVT C . 5.99 11.38 15.87
O10 DVT C . 8.31 12.31 17.17
O01 FJF D . 1.38 -0.63 -17.33
C02 FJF D . 0.56 -1.49 -17.59
N03 FJF D . -0.50 -1.23 -18.41
C04 FJF D . -1.41 -2.19 -18.71
C05 FJF D . -1.29 -3.46 -18.17
C06 FJF D . -0.21 -3.75 -17.32
O07 FJF D . -0.03 -4.84 -16.81
N08 FJF D . 0.70 -2.75 -17.04
C09 FJF D . -2.32 -4.51 -18.52
O10 FJF D . -3.12 -4.17 -19.64
C11 FJF D . -4.52 -4.34 -19.29
C12 FJF D . -5.38 -3.40 -20.11
O13 FJF D . -5.00 -2.05 -19.96
C14 FJF D . -4.55 -4.13 -17.78
O15 FJF D . -5.70 -4.71 -17.19
C16 FJF D . -3.25 -4.80 -17.34
O17 FJF D . -3.40 -6.20 -17.27
O28 DVT E . 1.23 0.96 -20.27
O28 DVT E . -2.47 0.35 -19.60
V10 DVT E . -0.11 1.12 -21.13
V10 DVT E . -2.69 1.24 -20.92
O18 DVT E . 0.62 1.81 -22.77
O18 DVT E . -1.14 0.76 -21.96
O15 DVT E . -0.62 -0.60 -21.67
O15 DVT E . -3.97 0.38 -21.93
V1 DVT E . -2.21 -0.72 -22.71
V1 DVT E . -4.47 1.22 -23.56
O5 DVT E . -2.44 -2.26 -23.04
O5 DVT E . -5.57 0.25 -24.21
O27 DVT E . -1.47 1.27 -19.79
O27 DVT E . -3.81 2.63 -20.26
V9 DVT E . -3.21 1.16 -20.46
V9 DVT E . -4.55 3.65 -21.63
O2 DVT E . -2.02 1.57 -22.27
O2 DVT E . -2.87 2.67 -22.67
O4 DVT E . -3.50 -0.43 -21.34
O4 DVT E . -5.51 2.63 -22.82
O8 DVT E . -4.66 1.70 -21.74
O8 DVT E . -4.38 4.80 -23.29
O26 DVT E . -4.12 0.89 -19.17
O26 DVT E . -5.76 4.41 -20.89
O24 DVT E . -3.12 3.15 -20.40
O24 DVT E . -3.01 4.87 -21.17
V7 DVT E . -4.92 3.64 -21.18
V7 DVT E . -3.28 6.34 -22.54
O11 DVT E . -6.16 3.71 -22.53
O11 DVT E . -3.39 6.98 -24.23
O25 DVT E . -5.87 3.37 -19.94
O25 DVT E . -4.49 7.15 -21.84
O21 DVT E . -4.27 5.34 -20.93
O21 DVT E . -1.81 6.99 -21.68
V6 DVT E . -3.38 6.05 -22.48
V6 DVT E . -0.18 6.52 -22.56
O19 DVT E . -2.06 5.81 -23.85
O19 DVT E . 0.93 5.16 -23.33
O22 DVT E . -3.21 7.60 -22.12
O22 DVT E . 0.87 7.51 -21.84
O6 DVT E . -4.86 5.97 -23.62
O6 DVT E . -0.61 7.38 -24.16
V8 DVT E . -1.81 3.56 -21.76
V8 DVT E . -1.46 3.88 -21.75
O20 DVT E . -1.82 5.24 -21.47
O20 DVT E . -0.32 5.02 -21.20
O23 DVT E . -0.40 3.14 -20.89
O23 DVT E . -1.39 2.78 -20.47
O16 DVT E . -3.51 3.79 -22.92
O16 DVT E . -1.72 5.05 -23.45
V5 DVT E . -5.36 4.27 -24.15
V5 DVT E . -1.84 6.49 -25.20
O14 DVT E . -6.61 4.47 -25.14
O14 DVT E . -1.93 7.40 -26.53
O7 DVT E . -5.11 2.22 -24.32
O7 DVT E . -3.15 4.95 -25.66
V2 DVT E . -3.75 1.80 -23.42
V2 DVT E . -3.13 3.84 -24.38
O1 DVT E . -3.76 0.10 -23.71
O1 DVT E . -4.27 2.68 -24.94
O17 DVT E . -0.88 3.64 -23.46
O17 DVT E . -0.23 2.90 -22.88
V4 DVT E . -2.30 4.22 -24.76
V4 DVT E . -0.01 4.09 -24.50
O13 DVT E . -3.99 4.05 -25.48
O13 DVT E . -0.71 5.10 -25.87
O12 DVT E . -1.38 4.43 -26.07
O12 DVT E . 1.21 3.29 -25.25
O9 DVT E . -2.46 2.21 -24.80
O9 DVT E . -1.56 2.88 -24.98
V3 DVT E . -0.68 1.68 -24.03
V3 DVT E . -1.37 1.37 -23.67
O3 DVT E . -1.32 -0.02 -24.28
O3 DVT E . -2.87 0.76 -24.51
O10 DVT E . 0.26 1.92 -25.33
O10 DVT E . -0.22 0.48 -24.37
O28 DVT F . 8.38 2.80 -32.98
O28 DVT F . 8.95 3.58 -32.09
V10 DVT F . 8.86 1.32 -32.60
V10 DVT F . 9.02 1.97 -32.08
O18 DVT F . 10.32 1.64 -31.39
O18 DVT F . 10.85 1.71 -31.53
O15 DVT F . 7.58 0.65 -31.43
O15 DVT F . 8.16 1.46 -30.52
V1 DVT F . 7.84 -1.11 -30.82
V1 DVT F . 8.03 -0.40 -30.23
O5 DVT F . 6.62 -1.44 -29.86
O5 DVT F . 7.23 -0.56 -28.87
O27 DVT F . 8.25 0.37 -34.14
O27 DVT F . 7.62 1.49 -33.29
V9 DVT F . 8.24 -1.46 -33.88
V9 DVT F . 7.22 -0.33 -33.26
O2 DVT F . 9.62 -0.79 -32.30
O2 DVT F . 9.19 -0.27 -32.26
O4 DVT F . 7.29 -2.00 -32.42
O4 DVT F . 6.73 -0.83 -31.56
O8 DVT F . 9.15 -3.19 -33.39
O8 DVT F . 7.75 -2.27 -33.37
O26 DVT F . 7.25 -1.90 -35.06
O26 DVT F . 5.80 -0.39 -33.99
O24 DVT F . 9.95 -1.34 -34.92
O24 DVT F . 8.47 -0.43 -34.85
V7 DVT F . 10.51 -3.29 -34.91
V7 DVT F . 8.51 -2.43 -35.27
O11 DVT F . 11.01 -4.82 -34.08
O11 DVT F . 8.82 -4.17 -34.84
O25 DVT F . 9.52 -3.89 -36.03
O25 DVT F . 7.14 -2.60 -36.10
O21 DVT F . 11.87 -2.59 -35.89
O21 DVT F . 9.69 -1.90 -36.55
V6 DVT F . 13.38 -2.14 -34.81
V6 DVT F . 11.51 -2.01 -35.98
O19 DVT F . 14.06 -1.26 -33.24
O19 DVT F . 12.83 -1.59 -34.65
O22 DVT F . 14.50 -1.89 -35.93
O22 DVT F . 12.35 -1.85 -37.34
O6 DVT F . 13.66 -3.89 -34.22
O6 DVT F . 11.50 -3.86 -35.62
V8 DVT F . 11.12 -0.41 -33.69
V8 DVT F . 10.19 -0.03 -34.06
O20 DVT F . 12.43 -0.33 -34.77
O20 DVT F . 11.05 -0.08 -35.54
O23 DVT F . 10.49 1.15 -33.87
O23 DVT F . 9.94 1.64 -33.90
O16 DVT F . 11.67 -2.37 -33.25
O16 DVT F . 10.31 -2.11 -34.00
V5 DVT F . 12.47 -4.46 -32.94
V5 DVT F . 10.56 -4.35 -34.11
O14 DVT F . 12.96 -5.97 -32.57
O14 DVT F . 10.75 -5.96 -34.00
O7 DVT F . 10.89 -4.27 -31.61
O7 DVT F . 9.46 -4.03 -32.39
V2 DVT F . 10.20 -2.76 -31.85
V2 DVT F . 9.26 -2.36 -32.22
O1 DVT F . 8.91 -2.83 -30.72
O1 DVT F . 8.42 -2.32 -30.73
O17 DVT F . 12.12 0.01 -32.08
O17 DVT F . 11.74 -0.14 -32.93
V4 DVT F . 13.12 -1.70 -31.70
V4 DVT F . 12.29 -2.08 -32.97
O13 DVT F . 13.16 -3.52 -31.44
O13 DVT F . 11.85 -3.86 -32.80
O12 DVT F . 14.10 -1.14 -30.51
O12 DVT F . 13.69 -2.02 -32.13
O9 DVT F . 11.41 -1.84 -30.64
O9 DVT F . 11.00 -2.01 -31.42
V3 DVT F . 10.72 0.06 -30.57
V3 DVT F . 11.01 -0.04 -31.02
O3 DVT F . 9.31 -0.67 -29.67
O3 DVT F . 9.87 -0.57 -29.70
O10 DVT F . 11.60 0.68 -29.37
O10 DVT F . 12.42 0.05 -30.23
O28 DVT G . -12.40 -8.10 -15.79
V10 DVT G . -11.01 -7.85 -16.51
O18 DVT G . -10.66 -6.03 -16.50
O15 DVT G . -9.80 -7.83 -15.14
V1 DVT G . -8.07 -7.73 -15.71
O5 DVT G . -7.20 -7.75 -14.32
O27 DVT G . -10.47 -9.64 -16.87
V9 DVT G . -8.86 -9.86 -17.75
O2 DVT G . -9.05 -7.63 -17.77
O4 DVT G . -7.97 -9.53 -16.22
O8 DVT G . -7.33 -9.28 -18.90
O26 DVT G . -8.81 -11.43 -18.03
O24 DVT G . -9.74 -9.45 -19.53
V7 DVT G . -8.08 -9.54 -20.69
O11 DVT G . -6.61 -8.88 -21.47
O25 DVT G . -8.29 -11.11 -20.84
O21 DVT G . -9.13 -9.05 -22.11
V6 DVT G . -9.45 -7.22 -22.40
O19 DVT G . -9.64 -5.45 -21.76
O22 DVT G . -10.27 -7.40 -23.75
O6 DVT G . -7.72 -6.95 -22.96
V8 DVT G . -10.31 -7.64 -19.49
O20 DVT G . -10.96 -7.49 -21.03
O23 DVT G . -11.61 -7.90 -18.44
O16 DVT G . -8.42 -7.35 -20.34
V5 DVT G . -6.47 -7.00 -21.58
O14 DVT G . -5.12 -6.64 -22.41
O7 DVT G . -5.82 -7.18 -19.66
V2 DVT G . -7.15 -7.38 -18.63
O1 DVT G . -6.60 -7.67 -17.11
O17 DVT G . -10.06 -5.75 -19.09
V4 DVT G . -8.62 -5.13 -20.33
O13 DVT G . -7.02 -5.25 -21.14
O12 DVT G . -8.64 -3.55 -20.07
O9 DVT G . -7.67 -5.56 -18.64
V3 DVT G . -9.16 -5.47 -17.34
O3 DVT G . -8.16 -5.91 -15.92
O10 DVT G . -9.13 -3.86 -17.13
O1 VVO H . -4.74 -6.39 -14.50
V1 VVO H . -5.28 -6.53 -16.21
#